data_4JMA
#
_entry.id   4JMA
#
_cell.length_a   51.073
_cell.length_b   74.649
_cell.length_c   106.424
_cell.angle_alpha   90.000
_cell.angle_beta   90.000
_cell.angle_gamma   90.000
#
_symmetry.space_group_name_H-M   'P 21 21 21'
#
loop_
_entity.id
_entity.type
_entity.pdbx_description
1 polymer 'Cytochrome c peroxidase'
2 non-polymer 'PROTOPORPHYRIN IX CONTAINING FE'
3 non-polymer 3-FLUOROBENZENE-1,2-DIOL
4 water water
#
_entity_poly.entity_id   1
_entity_poly.type   'polypeptide(L)'
_entity_poly.pdbx_seq_one_letter_code
;LVHVASVEKGRSYEDFQKVYNAIALKLREDDEYDNYIGYGPVLVRLAWHISGTWDKHDNTGGSYGGTYRFKKEFNDPSNA
GLQNGFKFLEPIHKEFPWISSGDLFSLGGVTAVQEMQGPKIPWRCGRVDTPEDTTPDNGRLPDADKDAGYVRTFFQRLNM
NDREVVALMGAHALGKTHLKNSGYEGGGANNVFTNEFYLNLLNEDWKLEKNDANNEQWDSKSGYMMLPTDYSLIQDPKYL
SIVKEYANDQDKFFKDFSKAFEKLLENGITFPKDAPSPFIFKTLEEQGL
;
_entity_poly.pdbx_strand_id   A
#
loop_
_chem_comp.id
_chem_comp.type
_chem_comp.name
_chem_comp.formula
3FA non-polymer 3-FLUOROBENZENE-1,2-DIOL 'C6 H5 F O2'
HEM non-polymer 'PROTOPORPHYRIN IX CONTAINING FE' 'C34 H32 Fe N4 O4'
#
# COMPACT_ATOMS: atom_id res chain seq x y z
N LEU A 1 -6.22 -10.19 22.34
CA LEU A 1 -4.72 -10.07 21.97
C LEU A 1 -4.31 -8.63 21.81
N VAL A 2 -3.41 -8.19 22.69
CA VAL A 2 -3.02 -6.80 22.77
C VAL A 2 -1.56 -6.66 22.31
N HIS A 3 -1.33 -5.71 21.40
CA HIS A 3 0.00 -5.36 20.98
C HIS A 3 0.32 -3.91 21.32
N VAL A 4 1.16 -3.65 22.33
CA VAL A 4 1.41 -2.30 22.80
C VAL A 4 2.66 -1.79 22.09
N ALA A 5 2.56 -0.62 21.49
CA ALA A 5 3.72 -0.02 20.82
C ALA A 5 4.80 0.28 21.89
N SER A 6 6.03 -0.05 21.56
CA SER A 6 7.18 0.13 22.41
C SER A 6 8.26 0.81 21.58
N VAL A 7 8.57 2.05 21.91
CA VAL A 7 9.53 2.86 21.10
C VAL A 7 10.88 2.15 21.15
N GLU A 8 11.51 1.96 20.00
CA GLU A 8 12.90 1.43 19.95
C GLU A 8 13.75 2.27 20.92
N LYS A 9 14.57 1.58 21.75
N LYS A 9 14.55 1.58 21.76
CA LYS A 9 15.17 2.21 22.90
CA LYS A 9 15.10 2.21 22.92
C LYS A 9 15.96 3.46 22.56
C LYS A 9 15.94 3.45 22.59
N GLY A 10 15.56 4.56 23.18
CA GLY A 10 16.26 5.80 23.04
C GLY A 10 16.04 6.62 21.77
N ARG A 11 15.24 6.08 20.86
CA ARG A 11 15.06 6.66 19.54
C ARG A 11 14.00 7.76 19.52
N SER A 12 14.21 8.72 18.64
CA SER A 12 13.33 9.87 18.50
C SER A 12 13.18 10.23 17.05
N TYR A 13 12.44 11.30 16.77
CA TYR A 13 12.14 11.67 15.40
C TYR A 13 13.34 11.67 14.47
N GLU A 14 14.44 12.24 14.94
N GLU A 14 14.45 12.25 14.89
CA GLU A 14 15.67 12.39 14.16
CA GLU A 14 15.59 12.38 14.00
C GLU A 14 16.15 11.03 13.67
C GLU A 14 16.13 11.00 13.61
N ASP A 15 16.06 10.00 14.50
CA ASP A 15 16.49 8.67 14.15
C ASP A 15 15.66 8.13 12.98
N PHE A 16 14.35 8.28 13.08
CA PHE A 16 13.47 7.76 12.02
C PHE A 16 13.54 8.59 10.73
N GLN A 17 13.79 9.89 10.85
CA GLN A 17 14.04 10.71 9.66
C GLN A 17 15.26 10.21 8.91
N LYS A 18 16.30 9.78 9.65
CA LYS A 18 17.44 9.18 9.03
C LYS A 18 17.09 7.94 8.21
N VAL A 19 16.28 7.07 8.78
CA VAL A 19 15.84 5.88 8.10
C VAL A 19 15.01 6.23 6.85
N TYR A 20 14.05 7.15 7.01
CA TYR A 20 13.28 7.69 5.91
C TYR A 20 14.24 8.15 4.80
N ASN A 21 15.24 8.95 5.19
CA ASN A 21 16.13 9.50 4.21
C ASN A 21 16.90 8.42 3.48
N ALA A 22 17.32 7.38 4.20
CA ALA A 22 18.06 6.32 3.55
C ALA A 22 17.17 5.58 2.54
N ILE A 23 15.91 5.31 2.93
CA ILE A 23 14.99 4.71 1.98
C ILE A 23 14.79 5.62 0.77
N ALA A 24 14.58 6.91 1.01
CA ALA A 24 14.31 7.87 -0.06
C ALA A 24 15.50 8.04 -1.01
N LEU A 25 16.69 8.04 -0.43
CA LEU A 25 17.91 8.11 -1.24
C LEU A 25 18.08 6.88 -2.12
N LYS A 26 17.71 5.72 -1.61
CA LYS A 26 17.81 4.46 -2.38
C LYS A 26 16.74 4.41 -3.44
N LEU A 27 15.57 4.98 -3.14
CA LEU A 27 14.51 5.08 -4.13
C LEU A 27 15.00 5.88 -5.33
N ARG A 28 15.70 6.97 -5.03
CA ARG A 28 16.24 7.81 -6.09
C ARG A 28 17.34 7.08 -6.88
N GLU A 29 18.21 6.35 -6.19
CA GLU A 29 19.39 5.72 -6.77
C GLU A 29 18.99 4.54 -7.63
N ASP A 30 18.07 3.71 -7.15
CA ASP A 30 17.72 2.46 -7.83
C ASP A 30 16.57 2.68 -8.83
N ASP A 31 16.83 3.51 -9.82
CA ASP A 31 15.81 4.04 -10.68
C ASP A 31 15.38 3.12 -11.83
N GLU A 32 16.21 2.10 -12.13
N GLU A 32 16.18 2.11 -12.19
CA GLU A 32 15.99 1.23 -13.27
CA GLU A 32 15.85 1.29 -13.35
C GLU A 32 14.87 0.20 -13.07
C GLU A 32 14.84 0.19 -13.07
N TYR A 33 14.57 -0.11 -11.79
CA TYR A 33 13.72 -1.23 -11.45
C TYR A 33 12.35 -1.17 -12.17
N ASP A 34 11.91 -2.30 -12.69
N ASP A 34 11.91 -2.31 -12.68
CA ASP A 34 10.59 -2.42 -13.34
CA ASP A 34 10.59 -2.43 -13.34
C ASP A 34 10.42 -1.40 -14.46
C ASP A 34 10.39 -1.42 -14.47
N ASN A 35 11.37 -1.40 -15.39
N ASN A 35 11.31 -1.47 -15.44
CA ASN A 35 11.28 -0.54 -16.55
CA ASN A 35 11.35 -0.52 -16.53
C ASN A 35 11.14 0.92 -16.17
C ASN A 35 11.17 0.93 -16.14
N TYR A 36 11.93 1.30 -15.19
N TYR A 36 11.97 1.31 -15.15
CA TYR A 36 12.13 2.66 -14.71
CA TYR A 36 12.14 2.68 -14.69
C TYR A 36 10.94 3.21 -13.95
C TYR A 36 10.94 3.22 -13.95
N ILE A 37 10.07 2.32 -13.51
CA ILE A 37 9.04 2.73 -12.52
C ILE A 37 9.74 3.05 -11.20
N GLY A 38 10.79 2.30 -10.88
CA GLY A 38 11.44 2.42 -9.58
C GLY A 38 10.65 1.66 -8.51
N TYR A 39 11.15 1.69 -7.27
CA TYR A 39 10.62 0.81 -6.22
C TYR A 39 9.46 1.41 -5.41
N GLY A 40 9.04 2.62 -5.74
CA GLY A 40 8.01 3.27 -4.90
C GLY A 40 6.75 2.46 -4.84
N PRO A 41 6.17 2.11 -5.99
CA PRO A 41 4.91 1.38 -5.95
C PRO A 41 4.97 0.05 -5.21
N VAL A 42 6.03 -0.76 -5.47
CA VAL A 42 6.11 -2.03 -4.78
C VAL A 42 6.26 -1.89 -3.23
N LEU A 43 6.90 -0.80 -2.80
CA LEU A 43 7.02 -0.51 -1.39
C LEU A 43 5.66 -0.17 -0.78
N VAL A 44 4.86 0.58 -1.51
CA VAL A 44 3.50 0.87 -1.07
C VAL A 44 2.70 -0.40 -0.95
N ARG A 45 2.73 -1.27 -1.96
CA ARG A 45 2.05 -2.55 -1.87
C ARG A 45 2.53 -3.39 -0.72
N LEU A 46 3.86 -3.40 -0.51
CA LEU A 46 4.39 -4.15 0.62
C LEU A 46 3.83 -3.66 1.94
N ALA A 47 3.80 -2.35 2.15
CA ALA A 47 3.24 -1.86 3.43
C ALA A 47 1.80 -2.28 3.62
N TRP A 48 1.04 -2.19 2.57
CA TRP A 48 -0.37 -2.60 2.57
C TRP A 48 -0.52 -4.10 2.82
N HIS A 49 0.25 -4.97 2.15
CA HIS A 49 0.09 -6.38 2.38
C HIS A 49 0.55 -6.83 3.74
N ILE A 50 1.53 -6.20 4.35
CA ILE A 50 1.91 -6.58 5.70
C ILE A 50 0.88 -6.15 6.73
N SER A 51 0.13 -5.09 6.43
CA SER A 51 -0.93 -4.58 7.28
C SER A 51 -2.24 -5.28 7.01
N GLY A 52 -2.50 -5.68 5.79
CA GLY A 52 -3.76 -6.18 5.32
C GLY A 52 -4.14 -7.61 5.76
N THR A 53 -3.21 -8.26 6.47
CA THR A 53 -3.49 -9.54 7.08
C THR A 53 -4.29 -9.37 8.36
N TRP A 54 -4.48 -8.18 8.86
CA TRP A 54 -5.14 -7.97 10.12
C TRP A 54 -6.55 -8.47 10.12
N ASP A 55 -6.96 -9.00 11.30
CA ASP A 55 -8.36 -9.38 11.54
C ASP A 55 -8.86 -8.69 12.78
N LYS A 56 -9.80 -7.73 12.65
CA LYS A 56 -10.29 -6.96 13.78
C LYS A 56 -10.91 -7.87 14.86
N HIS A 57 -11.35 -9.04 14.45
CA HIS A 57 -12.07 -9.92 15.41
C HIS A 57 -11.20 -10.48 16.51
N ASP A 58 -9.97 -10.76 16.24
CA ASP A 58 -9.10 -11.37 17.23
C ASP A 58 -7.70 -10.74 17.29
N ASN A 59 -7.50 -9.68 16.50
CA ASN A 59 -6.23 -8.96 16.43
C ASN A 59 -5.05 -9.83 15.97
N THR A 60 -5.36 -10.84 15.17
CA THR A 60 -4.33 -11.59 14.50
C THR A 60 -3.86 -10.79 13.28
N GLY A 61 -2.69 -11.17 12.75
CA GLY A 61 -2.09 -10.45 11.62
C GLY A 61 -1.76 -9.02 11.99
N GLY A 62 -1.68 -8.16 10.97
CA GLY A 62 -1.41 -6.76 11.17
C GLY A 62 0.07 -6.46 11.10
N SER A 63 0.40 -5.18 10.97
CA SER A 63 1.78 -4.78 10.80
C SER A 63 2.67 -4.96 12.03
N TYR A 64 2.11 -5.05 13.23
CA TYR A 64 2.92 -4.95 14.44
C TYR A 64 4.08 -5.93 14.49
N GLY A 65 3.79 -7.19 14.18
CA GLY A 65 4.79 -8.21 14.44
C GLY A 65 5.85 -8.40 13.41
N GLY A 66 5.74 -7.74 12.26
CA GLY A 66 6.78 -7.84 11.23
C GLY A 66 6.86 -9.23 10.64
N THR A 67 5.75 -9.91 10.57
CA THR A 67 5.77 -11.36 10.29
C THR A 67 6.03 -11.72 8.83
N TYR A 68 6.02 -10.73 7.92
CA TYR A 68 6.40 -10.97 6.53
C TYR A 68 7.83 -11.50 6.40
N ARG A 69 8.68 -11.24 7.37
CA ARG A 69 10.06 -11.77 7.34
C ARG A 69 10.06 -13.30 7.39
N PHE A 70 8.95 -13.96 7.70
CA PHE A 70 8.90 -15.43 7.85
C PHE A 70 8.36 -16.05 6.60
N LYS A 71 8.88 -17.23 6.27
CA LYS A 71 8.59 -17.86 5.00
C LYS A 71 7.12 -18.09 4.69
N LYS A 72 6.30 -18.46 5.66
CA LYS A 72 4.93 -18.73 5.37
C LYS A 72 4.30 -17.51 4.72
N GLU A 73 4.60 -16.36 5.30
N GLU A 73 4.60 -16.35 5.27
CA GLU A 73 3.98 -15.13 4.82
CA GLU A 73 3.98 -15.12 4.76
C GLU A 73 4.69 -14.61 3.59
C GLU A 73 4.70 -14.58 3.53
N PHE A 74 6.04 -14.61 3.56
CA PHE A 74 6.64 -14.07 2.34
CA PHE A 74 6.86 -14.23 2.42
C PHE A 74 6.39 -14.96 1.13
N ASN A 75 6.05 -16.24 1.34
N ASN A 75 6.01 -16.23 1.31
CA ASN A 75 5.71 -17.10 0.22
CA ASN A 75 5.68 -17.10 0.20
C ASN A 75 4.21 -17.17 -0.08
C ASN A 75 4.20 -17.15 -0.09
N ASP A 76 3.40 -16.33 0.58
CA ASP A 76 1.96 -16.25 0.24
C ASP A 76 1.85 -15.96 -1.24
N PRO A 77 1.07 -16.74 -2.00
CA PRO A 77 0.88 -16.39 -3.41
C PRO A 77 0.35 -14.95 -3.62
N SER A 78 -0.44 -14.46 -2.67
CA SER A 78 -0.95 -13.07 -2.71
C SER A 78 0.16 -12.07 -2.65
N ASN A 79 1.32 -12.49 -2.13
CA ASN A 79 2.49 -11.60 -1.96
C ASN A 79 3.54 -11.74 -3.08
N ALA A 80 3.22 -12.44 -4.17
CA ALA A 80 4.22 -12.64 -5.19
C ALA A 80 4.65 -11.34 -5.80
N GLY A 81 5.96 -11.13 -5.86
CA GLY A 81 6.56 -9.91 -6.37
C GLY A 81 7.05 -8.99 -5.24
N LEU A 82 6.46 -9.11 -4.05
CA LEU A 82 6.86 -8.24 -2.94
C LEU A 82 8.27 -8.51 -2.45
N GLN A 83 8.78 -9.69 -2.80
CA GLN A 83 10.19 -9.98 -2.50
C GLN A 83 11.13 -8.92 -3.03
N ASN A 84 10.74 -8.23 -4.10
CA ASN A 84 11.53 -7.12 -4.66
C ASN A 84 11.61 -5.97 -3.67
N GLY A 85 10.48 -5.67 -2.99
CA GLY A 85 10.46 -4.65 -1.95
C GLY A 85 11.30 -5.03 -0.75
N PHE A 86 11.22 -6.30 -0.38
CA PHE A 86 11.98 -6.84 0.74
C PHE A 86 13.46 -6.71 0.46
N LYS A 87 13.85 -7.09 -0.74
CA LYS A 87 15.26 -6.98 -1.11
C LYS A 87 15.78 -5.55 -1.10
N PHE A 88 14.93 -4.62 -1.55
CA PHE A 88 15.23 -3.21 -1.54
C PHE A 88 15.51 -2.77 -0.10
N LEU A 89 14.70 -3.23 0.86
CA LEU A 89 14.79 -2.77 2.22
C LEU A 89 15.93 -3.44 3.00
N GLU A 90 16.47 -4.54 2.46
N GLU A 90 16.47 -4.54 2.48
CA GLU A 90 17.53 -5.30 3.15
CA GLU A 90 17.50 -5.31 3.21
C GLU A 90 18.70 -4.43 3.59
C GLU A 90 18.70 -4.43 3.61
N PRO A 91 19.24 -3.61 2.69
CA PRO A 91 20.36 -2.76 3.11
C PRO A 91 20.02 -1.70 4.10
N ILE A 92 18.76 -1.28 4.09
CA ILE A 92 18.31 -0.37 5.12
C ILE A 92 18.24 -1.05 6.48
N HIS A 93 17.71 -2.27 6.50
CA HIS A 93 17.67 -3.12 7.71
C HIS A 93 19.09 -3.31 8.26
N LYS A 94 20.04 -3.51 7.35
CA LYS A 94 21.43 -3.71 7.78
C LYS A 94 22.06 -2.46 8.35
N GLU A 95 21.81 -1.30 7.76
CA GLU A 95 22.35 -0.04 8.26
C GLU A 95 21.72 0.39 9.57
N PHE A 96 20.44 0.11 9.71
CA PHE A 96 19.68 0.47 10.87
C PHE A 96 19.08 -0.78 11.50
N PRO A 97 19.87 -1.63 12.14
CA PRO A 97 19.34 -2.87 12.67
C PRO A 97 18.39 -2.72 13.84
N TRP A 98 18.37 -1.55 14.42
CA TRP A 98 17.53 -1.24 15.58
C TRP A 98 16.07 -1.06 15.26
N ILE A 99 15.77 -0.71 14.01
CA ILE A 99 14.31 -0.50 13.66
C ILE A 99 13.62 -1.86 13.50
N SER A 100 12.45 -2.03 14.12
CA SER A 100 11.73 -3.29 14.00
C SER A 100 11.25 -3.56 12.58
N SER A 101 10.97 -4.79 12.23
CA SER A 101 10.59 -5.16 10.87
C SER A 101 9.26 -4.50 10.50
N GLY A 102 8.28 -4.54 11.39
CA GLY A 102 7.01 -3.85 11.12
C GLY A 102 7.19 -2.38 10.91
N ASP A 103 7.99 -1.71 11.74
CA ASP A 103 8.29 -0.32 11.55
C ASP A 103 8.94 -0.07 10.22
N LEU A 104 9.88 -0.91 9.82
CA LEU A 104 10.59 -0.72 8.56
C LEU A 104 9.67 -0.90 7.35
N PHE A 105 8.87 -1.96 7.36
CA PHE A 105 7.99 -2.22 6.21
C PHE A 105 6.99 -1.08 6.07
N SER A 106 6.40 -0.66 7.18
CA SER A 106 5.40 0.39 7.10
C SER A 106 6.04 1.73 6.75
N LEU A 107 7.18 2.03 7.34
CA LEU A 107 7.88 3.29 6.99
C LEU A 107 8.31 3.29 5.51
N GLY A 108 8.62 2.12 4.95
CA GLY A 108 8.90 2.05 3.50
C GLY A 108 7.74 2.54 2.64
N GLY A 109 6.53 2.19 3.06
CA GLY A 109 5.35 2.62 2.35
C GLY A 109 5.13 4.12 2.48
N VAL A 110 5.23 4.64 3.71
CA VAL A 110 5.14 6.09 3.96
C VAL A 110 6.13 6.87 3.11
N THR A 111 7.38 6.41 3.12
CA THR A 111 8.45 7.08 2.39
C THR A 111 8.16 7.09 0.92
N ALA A 112 7.74 5.96 0.39
CA ALA A 112 7.40 5.84 -1.02
C ALA A 112 6.28 6.80 -1.43
N VAL A 113 5.20 6.80 -0.66
CA VAL A 113 4.08 7.71 -0.95
C VAL A 113 4.60 9.16 -1.01
N GLN A 114 5.33 9.57 0.03
CA GLN A 114 5.78 10.97 0.11
C GLN A 114 6.73 11.33 -1.00
N GLU A 115 7.69 10.45 -1.23
CA GLU A 115 8.70 10.75 -2.24
C GLU A 115 8.12 10.77 -3.64
N MET A 116 7.05 10.04 -3.86
CA MET A 116 6.27 10.08 -5.07
C MET A 116 5.30 11.27 -5.17
N GLN A 117 5.49 12.25 -4.30
CA GLN A 117 4.73 13.49 -4.31
C GLN A 117 3.30 13.32 -3.83
N GLY A 118 3.08 12.24 -3.10
CA GLY A 118 1.81 12.04 -2.43
C GLY A 118 1.63 12.90 -1.19
N PRO A 119 0.52 12.62 -0.47
CA PRO A 119 0.33 13.35 0.79
C PRO A 119 1.33 12.99 1.85
N LYS A 120 1.49 13.88 2.82
N LYS A 120 1.49 13.87 2.83
CA LYS A 120 2.21 13.50 4.02
CA LYS A 120 2.20 13.49 4.03
C LYS A 120 1.37 12.44 4.72
C LYS A 120 1.36 12.42 4.72
N ILE A 121 2.01 11.38 5.20
CA ILE A 121 1.39 10.30 5.99
C ILE A 121 2.04 10.30 7.37
N PRO A 122 1.33 10.77 8.40
CA PRO A 122 1.92 10.68 9.75
C PRO A 122 2.17 9.23 10.09
N TRP A 123 3.25 8.98 10.79
CA TRP A 123 3.67 7.62 11.06
C TRP A 123 4.17 7.49 12.51
N ARG A 124 3.80 6.39 13.16
CA ARG A 124 4.17 6.15 14.54
C ARG A 124 5.11 4.96 14.54
N CYS A 125 6.10 5.05 15.45
CA CYS A 125 7.01 3.94 15.69
C CYS A 125 6.48 3.03 16.81
N GLY A 126 7.16 1.91 16.99
CA GLY A 126 6.88 1.06 18.14
C GLY A 126 6.35 -0.31 17.89
N ARG A 127 6.23 -0.72 16.64
CA ARG A 127 5.91 -2.08 16.34
C ARG A 127 7.05 -2.94 16.85
N VAL A 128 6.72 -4.13 17.35
CA VAL A 128 7.75 -5.03 17.98
C VAL A 128 7.68 -6.36 17.29
N ASP A 129 8.82 -6.88 16.85
CA ASP A 129 8.82 -8.16 16.17
C ASP A 129 8.22 -9.24 17.06
N THR A 130 7.41 -10.10 16.46
CA THR A 130 6.82 -11.24 17.16
C THR A 130 7.29 -12.52 16.46
N PRO A 131 7.24 -13.66 17.19
CA PRO A 131 7.86 -14.87 16.64
C PRO A 131 7.15 -15.51 15.48
N GLU A 132 7.79 -16.52 14.90
CA GLU A 132 7.32 -17.16 13.69
C GLU A 132 5.92 -17.74 13.86
N ASP A 133 5.61 -18.27 15.04
CA ASP A 133 4.31 -18.88 15.23
CA ASP A 133 4.31 -18.88 15.25
C ASP A 133 3.12 -17.89 15.27
N THR A 134 3.41 -16.59 15.25
CA THR A 134 2.39 -15.57 15.19
C THR A 134 2.11 -15.14 13.75
N THR A 135 2.81 -15.73 12.80
CA THR A 135 2.61 -15.40 11.39
C THR A 135 1.21 -15.84 10.94
N PRO A 136 0.42 -14.94 10.37
CA PRO A 136 -0.89 -15.37 9.91
C PRO A 136 -0.83 -16.27 8.71
N ASP A 137 -1.76 -17.23 8.62
CA ASP A 137 -1.83 -18.08 7.43
C ASP A 137 -2.13 -17.27 6.19
N ASN A 138 -1.81 -17.85 5.06
CA ASN A 138 -2.10 -17.30 3.75
C ASN A 138 -3.63 -17.23 3.57
N GLY A 139 -4.07 -16.33 2.69
CA GLY A 139 -5.47 -16.24 2.32
C GLY A 139 -6.27 -15.09 2.90
N ARG A 140 -5.61 -14.17 3.62
CA ARG A 140 -6.30 -13.04 4.24
C ARG A 140 -6.28 -11.81 3.33
N LEU A 141 -5.49 -11.82 2.29
CA LEU A 141 -5.44 -10.69 1.36
C LEU A 141 -6.52 -10.87 0.25
N PRO A 142 -6.91 -9.81 -0.43
CA PRO A 142 -8.12 -9.92 -1.26
C PRO A 142 -7.88 -10.46 -2.66
N ASP A 143 -8.92 -11.12 -3.18
CA ASP A 143 -8.97 -11.52 -4.57
C ASP A 143 -9.35 -10.35 -5.49
N ALA A 144 -8.84 -10.36 -6.71
CA ALA A 144 -9.08 -9.30 -7.66
C ALA A 144 -10.23 -9.56 -8.67
N ASP A 145 -10.72 -10.80 -8.73
N ASP A 145 -10.75 -10.78 -8.71
CA ASP A 145 -11.73 -11.21 -9.69
CA ASP A 145 -11.73 -11.16 -9.72
C ASP A 145 -13.11 -11.28 -9.06
C ASP A 145 -13.18 -10.89 -9.34
N LYS A 146 -13.44 -10.23 -8.29
N LYS A 146 -13.36 -10.33 -8.14
CA LYS A 146 -14.64 -10.19 -7.52
CA LYS A 146 -14.66 -10.21 -7.53
C LYS A 146 -15.34 -8.84 -7.72
C LYS A 146 -15.35 -8.86 -7.76
N ASP A 147 -16.49 -8.68 -7.09
CA ASP A 147 -17.37 -7.55 -7.31
C ASP A 147 -17.40 -6.61 -6.11
N ALA A 148 -18.26 -5.58 -6.20
CA ALA A 148 -18.26 -4.54 -5.16
C ALA A 148 -18.68 -5.09 -3.82
N GLY A 149 -19.61 -6.04 -3.81
CA GLY A 149 -20.04 -6.59 -2.53
C GLY A 149 -18.94 -7.38 -1.82
N TYR A 150 -18.12 -8.05 -2.60
CA TYR A 150 -16.94 -8.75 -2.07
C TYR A 150 -16.00 -7.75 -1.44
N VAL A 151 -15.71 -6.67 -2.18
CA VAL A 151 -14.76 -5.66 -1.70
C VAL A 151 -15.26 -5.08 -0.40
N ARG A 152 -16.54 -4.72 -0.37
CA ARG A 152 -17.12 -4.09 0.80
C ARG A 152 -17.01 -5.00 2.04
N THR A 153 -17.43 -6.24 1.88
CA THR A 153 -17.35 -7.23 2.95
C THR A 153 -15.93 -7.49 3.36
N PHE A 154 -15.04 -7.62 2.37
CA PHE A 154 -13.65 -7.90 2.64
C PHE A 154 -13.08 -6.86 3.60
N PHE A 155 -13.27 -5.59 3.26
CA PHE A 155 -12.67 -4.51 4.00
C PHE A 155 -13.32 -4.25 5.38
N GLN A 156 -14.50 -4.77 5.61
CA GLN A 156 -15.05 -4.74 6.97
C GLN A 156 -14.12 -5.43 7.98
N ARG A 157 -13.42 -6.46 7.52
CA ARG A 157 -12.48 -7.16 8.41
C ARG A 157 -11.34 -6.29 8.89
N LEU A 158 -10.98 -5.29 8.08
CA LEU A 158 -9.94 -4.33 8.36
C LEU A 158 -10.52 -3.05 8.92
N ASN A 159 -11.80 -3.08 9.29
CA ASN A 159 -12.48 -1.91 9.88
C ASN A 159 -12.43 -0.70 8.97
N MET A 160 -12.60 -0.90 7.66
CA MET A 160 -12.66 0.19 6.68
C MET A 160 -14.04 0.30 6.09
N ASN A 161 -14.51 1.54 6.01
CA ASN A 161 -15.81 1.85 5.44
C ASN A 161 -15.69 2.20 3.96
N ASP A 162 -16.82 2.55 3.32
CA ASP A 162 -16.77 2.78 1.88
C ASP A 162 -15.80 3.90 1.48
N ARG A 163 -15.81 5.01 2.20
N ARG A 163 -15.80 5.03 2.19
CA ARG A 163 -14.94 6.12 1.88
CA ARG A 163 -14.90 6.12 1.84
C ARG A 163 -13.47 5.68 2.00
C ARG A 163 -13.45 5.68 1.99
N GLU A 164 -13.17 4.95 3.05
CA GLU A 164 -11.79 4.49 3.28
C GLU A 164 -11.34 3.51 2.22
N VAL A 165 -12.23 2.62 1.81
CA VAL A 165 -11.94 1.66 0.74
C VAL A 165 -11.66 2.38 -0.57
N VAL A 166 -12.55 3.33 -0.92
CA VAL A 166 -12.37 4.00 -2.19
C VAL A 166 -11.09 4.84 -2.18
N ALA A 167 -10.79 5.50 -1.05
CA ALA A 167 -9.56 6.29 -0.93
C ALA A 167 -8.34 5.39 -1.05
N LEU A 168 -8.33 4.28 -0.33
CA LEU A 168 -7.13 3.40 -0.37
C LEU A 168 -6.90 2.88 -1.81
N MET A 169 -7.95 2.56 -2.54
N MET A 169 -7.97 2.55 -2.52
CA MET A 169 -7.79 1.94 -3.85
CA MET A 169 -7.88 1.95 -3.83
C MET A 169 -7.19 2.92 -4.86
C MET A 169 -7.16 2.89 -4.81
N GLY A 170 -7.14 4.20 -4.52
CA GLY A 170 -6.46 5.18 -5.39
C GLY A 170 -4.99 4.90 -5.57
N ALA A 171 -4.42 4.07 -4.69
CA ALA A 171 -3.04 3.62 -4.86
C ALA A 171 -2.84 2.82 -6.12
N HIS A 172 -3.92 2.35 -6.77
CA HIS A 172 -3.83 1.67 -8.02
C HIS A 172 -3.54 2.58 -9.23
N ALA A 173 -3.35 3.84 -8.95
CA ALA A 173 -2.70 4.72 -9.93
C ALA A 173 -1.18 4.67 -9.86
N LEU A 174 -0.63 3.79 -9.05
CA LEU A 174 0.82 3.57 -8.93
C LEU A 174 1.22 2.25 -9.53
N GLY A 175 2.35 2.20 -10.24
CA GLY A 175 2.93 0.93 -10.59
C GLY A 175 2.15 0.25 -11.69
N LYS A 176 2.14 -1.07 -11.63
CA LYS A 176 1.43 -1.89 -12.61
C LYS A 176 1.18 -3.29 -12.06
N THR A 177 0.35 -4.04 -12.79
CA THR A 177 0.17 -5.46 -12.55
C THR A 177 1.14 -6.20 -13.48
N HIS A 178 1.60 -7.35 -13.03
CA HIS A 178 2.60 -8.18 -13.70
C HIS A 178 2.03 -9.60 -13.81
N LEU A 179 1.93 -10.09 -15.06
CA LEU A 179 1.25 -11.37 -15.27
C LEU A 179 1.79 -12.50 -14.39
N LYS A 180 3.11 -12.56 -14.26
CA LYS A 180 3.74 -13.61 -13.52
C LYS A 180 3.51 -13.57 -12.02
N ASN A 181 3.25 -12.36 -11.51
CA ASN A 181 2.92 -12.25 -10.12
C ASN A 181 1.48 -12.58 -9.77
N SER A 182 0.53 -12.04 -10.52
CA SER A 182 -0.87 -12.04 -10.11
C SER A 182 -1.85 -12.55 -11.15
N GLY A 183 -1.39 -12.79 -12.35
CA GLY A 183 -2.31 -13.15 -13.45
C GLY A 183 -3.04 -12.00 -14.10
N TYR A 184 -2.55 -10.77 -13.88
CA TYR A 184 -3.05 -9.56 -14.50
C TYR A 184 -1.87 -8.85 -15.11
N GLU A 185 -2.09 -8.15 -16.19
CA GLU A 185 -1.03 -7.41 -16.87
C GLU A 185 -1.40 -6.03 -17.28
N GLY A 186 -0.58 -5.03 -16.94
CA GLY A 186 -0.78 -3.67 -17.42
C GLY A 186 -1.01 -2.66 -16.29
N GLY A 187 -1.27 -1.43 -16.69
CA GLY A 187 -1.44 -0.35 -15.74
C GLY A 187 -0.69 0.87 -16.24
N GLY A 188 -0.82 1.93 -15.47
CA GLY A 188 -0.23 3.20 -15.85
C GLY A 188 1.30 3.26 -15.80
N ALA A 189 1.90 2.37 -15.03
CA ALA A 189 3.31 2.39 -14.76
C ALA A 189 3.75 3.72 -14.19
N ASN A 190 2.86 4.34 -13.39
CA ASN A 190 3.18 5.65 -12.81
C ASN A 190 4.00 5.57 -11.54
N ASN A 191 4.85 6.56 -11.31
CA ASN A 191 5.62 6.67 -10.08
C ASN A 191 5.46 8.04 -9.43
N VAL A 192 4.41 8.74 -9.81
CA VAL A 192 4.02 9.98 -9.17
C VAL A 192 2.58 9.81 -8.70
N PHE A 193 2.34 10.11 -7.42
CA PHE A 193 1.07 9.87 -6.73
C PHE A 193 0.07 10.99 -7.08
N THR A 194 -1.03 10.61 -7.72
CA THR A 194 -2.07 11.53 -8.15
C THR A 194 -3.42 10.88 -7.89
N ASN A 195 -4.51 11.61 -8.18
CA ASN A 195 -5.87 11.06 -8.20
C ASN A 195 -6.29 10.48 -9.57
N GLU A 196 -5.34 10.12 -10.40
CA GLU A 196 -5.63 9.63 -11.76
C GLU A 196 -6.47 8.33 -11.74
N PHE A 197 -6.39 7.50 -10.69
CA PHE A 197 -7.22 6.30 -10.68
C PHE A 197 -8.68 6.64 -10.93
N TYR A 198 -9.16 7.67 -10.23
CA TYR A 198 -10.57 8.07 -10.29
C TYR A 198 -10.91 8.70 -11.63
N LEU A 199 -10.06 9.61 -12.10
CA LEU A 199 -10.27 10.23 -13.38
C LEU A 199 -10.29 9.18 -14.49
N ASN A 200 -9.37 8.26 -14.48
CA ASN A 200 -9.35 7.21 -15.52
C ASN A 200 -10.58 6.32 -15.46
N LEU A 201 -11.03 5.98 -14.26
CA LEU A 201 -12.21 5.18 -14.17
C LEU A 201 -13.39 5.85 -14.86
N LEU A 202 -13.57 7.12 -14.58
CA LEU A 202 -14.69 7.88 -15.10
C LEU A 202 -14.58 8.26 -16.58
N ASN A 203 -13.38 8.49 -17.04
CA ASN A 203 -13.17 9.16 -18.34
C ASN A 203 -12.71 8.24 -19.45
N GLU A 204 -12.10 7.11 -19.15
CA GLU A 204 -11.59 6.23 -20.19
C GLU A 204 -12.70 5.34 -20.75
N ASP A 205 -12.45 4.84 -21.94
CA ASP A 205 -13.37 3.86 -22.57
CA ASP A 205 -13.34 3.89 -22.63
C ASP A 205 -12.88 2.47 -22.32
N TRP A 206 -13.56 1.80 -21.37
CA TRP A 206 -13.06 0.53 -20.86
C TRP A 206 -13.71 -0.64 -21.60
N LYS A 207 -12.92 -1.67 -21.89
CA LYS A 207 -13.40 -2.92 -22.50
C LYS A 207 -13.00 -4.08 -21.62
N LEU A 208 -13.94 -5.00 -21.38
CA LEU A 208 -13.69 -6.17 -20.59
C LEU A 208 -13.06 -7.25 -21.46
N GLU A 209 -11.79 -7.49 -21.24
CA GLU A 209 -11.01 -8.41 -22.08
C GLU A 209 -10.39 -9.54 -21.29
N LYS A 210 -9.93 -10.59 -21.94
CA LYS A 210 -9.15 -11.59 -21.31
C LYS A 210 -7.68 -11.41 -21.60
N ASN A 211 -6.90 -11.52 -20.54
CA ASN A 211 -5.48 -11.42 -20.67
C ASN A 211 -4.84 -12.75 -21.00
N ASP A 212 -3.51 -12.77 -21.08
CA ASP A 212 -2.81 -14.00 -21.49
C ASP A 212 -2.81 -15.13 -20.43
N ALA A 213 -3.31 -14.86 -19.21
CA ALA A 213 -3.50 -15.82 -18.17
C ALA A 213 -4.93 -16.31 -18.09
N ASN A 214 -5.73 -15.88 -19.07
CA ASN A 214 -7.13 -16.26 -19.20
C ASN A 214 -8.02 -15.64 -18.08
N ASN A 215 -7.54 -14.51 -17.53
CA ASN A 215 -8.36 -13.74 -16.61
C ASN A 215 -8.92 -12.51 -17.21
N GLU A 216 -10.11 -12.13 -16.76
CA GLU A 216 -10.75 -10.91 -17.25
C GLU A 216 -10.17 -9.68 -16.55
N GLN A 217 -9.96 -8.65 -17.33
CA GLN A 217 -9.57 -7.33 -16.82
C GLN A 217 -10.10 -6.28 -17.72
N TRP A 218 -10.22 -5.05 -17.24
CA TRP A 218 -10.78 -3.95 -17.99
C TRP A 218 -9.62 -3.12 -18.58
N ASP A 219 -9.60 -2.98 -19.90
CA ASP A 219 -8.53 -2.32 -20.62
C ASP A 219 -9.05 -1.10 -21.33
N SER A 220 -8.24 -0.04 -21.39
N SER A 220 -8.26 -0.03 -21.36
CA SER A 220 -8.74 1.18 -21.99
CA SER A 220 -8.71 1.18 -22.02
C SER A 220 -8.15 1.41 -23.34
C SER A 220 -8.02 1.29 -23.34
N LYS A 221 -8.96 2.08 -24.16
N LYS A 221 -8.69 1.93 -24.28
CA LYS A 221 -8.54 2.55 -25.47
CA LYS A 221 -8.11 2.21 -25.57
C LYS A 221 -7.09 3.07 -25.42
C LYS A 221 -6.80 2.95 -25.34
N SER A 222 -6.78 3.90 -24.40
CA SER A 222 -5.49 4.57 -24.21
CA SER A 222 -5.54 4.61 -24.09
C SER A 222 -4.40 3.80 -23.48
N GLY A 223 -4.62 2.52 -23.14
CA GLY A 223 -3.54 1.70 -22.56
C GLY A 223 -3.50 1.43 -21.05
N TYR A 224 -4.52 1.90 -20.32
CA TYR A 224 -4.63 1.66 -18.87
C TYR A 224 -5.37 0.37 -18.62
N MET A 225 -5.47 0.00 -17.35
N MET A 225 -5.30 -0.17 -17.39
CA MET A 225 -6.05 -1.26 -17.00
CA MET A 225 -6.12 -1.33 -17.03
C MET A 225 -6.65 -1.12 -15.62
C MET A 225 -6.61 -1.21 -15.61
N MET A 226 -7.76 -1.84 -15.40
CA MET A 226 -8.39 -1.95 -14.08
CA MET A 226 -8.40 -1.94 -14.08
C MET A 226 -8.72 -3.38 -13.77
N LEU A 227 -8.51 -3.79 -12.55
CA LEU A 227 -8.95 -5.11 -12.10
C LEU A 227 -10.47 -5.12 -11.96
N PRO A 228 -11.08 -6.30 -12.01
CA PRO A 228 -12.52 -6.33 -11.74
C PRO A 228 -12.91 -5.62 -10.43
N THR A 229 -12.12 -5.79 -9.38
CA THR A 229 -12.43 -5.12 -8.12
C THR A 229 -12.30 -3.62 -8.21
N ASP A 230 -11.36 -3.13 -9.03
CA ASP A 230 -11.25 -1.67 -9.28
C ASP A 230 -12.50 -1.15 -9.94
N TYR A 231 -12.88 -1.82 -11.04
CA TYR A 231 -14.01 -1.39 -11.84
C TYR A 231 -15.31 -1.46 -11.04
N SER A 232 -15.37 -2.33 -10.04
CA SER A 232 -16.55 -2.43 -9.22
C SER A 232 -16.87 -1.11 -8.51
N LEU A 233 -15.87 -0.27 -8.34
CA LEU A 233 -16.04 1.02 -7.65
C LEU A 233 -16.91 1.98 -8.47
N ILE A 234 -17.06 1.75 -9.77
CA ILE A 234 -18.02 2.53 -10.58
C ILE A 234 -19.30 1.75 -10.96
N GLN A 235 -19.37 0.47 -10.59
N GLN A 235 -19.39 0.49 -10.58
CA GLN A 235 -20.56 -0.35 -10.79
CA GLN A 235 -20.61 -0.28 -10.76
C GLN A 235 -21.51 -0.34 -9.60
C GLN A 235 -21.59 -0.03 -9.58
N ASP A 236 -21.03 0.13 -8.46
N ASP A 236 -21.04 -0.01 -8.38
CA ASP A 236 -21.80 0.20 -7.22
CA ASP A 236 -21.82 0.16 -7.14
C ASP A 236 -22.10 1.68 -6.99
C ASP A 236 -22.10 1.65 -6.96
N PRO A 237 -23.38 2.03 -6.71
CA PRO A 237 -23.69 3.45 -6.71
C PRO A 237 -23.08 4.23 -5.55
N LYS A 238 -22.83 3.57 -4.43
CA LYS A 238 -22.26 4.23 -3.27
C LYS A 238 -20.77 4.48 -3.53
N TYR A 239 -20.06 3.50 -4.04
CA TYR A 239 -18.65 3.71 -4.38
C TYR A 239 -18.53 4.76 -5.49
N LEU A 240 -19.47 4.78 -6.44
CA LEU A 240 -19.34 5.67 -7.61
C LEU A 240 -19.37 7.12 -7.13
N SER A 241 -20.25 7.43 -6.18
N SER A 241 -20.24 7.45 -6.17
CA SER A 241 -20.33 8.77 -5.62
CA SER A 241 -20.29 8.85 -5.72
C SER A 241 -18.98 9.27 -5.14
C SER A 241 -18.97 9.30 -5.13
N ILE A 242 -18.28 8.38 -4.44
CA ILE A 242 -17.00 8.71 -3.82
C ILE A 242 -15.89 8.82 -4.86
N VAL A 243 -15.93 7.94 -5.84
CA VAL A 243 -15.02 8.01 -6.99
C VAL A 243 -15.12 9.39 -7.63
N LYS A 244 -16.35 9.83 -7.90
CA LYS A 244 -16.56 11.15 -8.50
C LYS A 244 -16.00 12.26 -7.60
N GLU A 245 -16.23 12.15 -6.32
N GLU A 245 -16.19 12.14 -6.29
CA GLU A 245 -15.67 13.11 -5.37
CA GLU A 245 -15.67 13.13 -5.34
C GLU A 245 -14.15 13.23 -5.53
C GLU A 245 -14.15 13.25 -5.42
N TYR A 246 -13.47 12.11 -5.50
CA TYR A 246 -11.99 12.15 -5.54
C TYR A 246 -11.49 12.55 -6.90
N ALA A 247 -12.23 12.24 -7.98
CA ALA A 247 -11.86 12.67 -9.32
C ALA A 247 -11.92 14.15 -9.45
N ASN A 248 -12.72 14.80 -8.63
CA ASN A 248 -12.91 16.22 -8.72
C ASN A 248 -12.29 17.04 -7.60
N ASP A 249 -11.48 16.41 -6.73
CA ASP A 249 -10.89 17.15 -5.62
C ASP A 249 -9.61 16.45 -5.14
N GLN A 250 -8.50 16.81 -5.78
CA GLN A 250 -7.17 16.24 -5.47
C GLN A 250 -6.86 16.34 -3.98
N ASP A 251 -7.07 17.51 -3.37
CA ASP A 251 -6.67 17.72 -1.99
C ASP A 251 -7.49 16.79 -1.09
N LYS A 252 -8.81 16.66 -1.37
CA LYS A 252 -9.66 15.81 -0.55
C LYS A 252 -9.20 14.35 -0.62
N PHE A 253 -8.91 13.92 -1.80
CA PHE A 253 -8.39 12.62 -1.99
C PHE A 253 -7.09 12.41 -1.16
N PHE A 254 -6.11 13.34 -1.27
CA PHE A 254 -4.84 13.24 -0.53
C PHE A 254 -5.10 13.13 0.95
N LYS A 255 -5.99 13.96 1.48
CA LYS A 255 -6.26 13.98 2.92
C LYS A 255 -6.91 12.70 3.38
N ASP A 256 -7.87 12.22 2.61
CA ASP A 256 -8.55 10.99 2.98
C ASP A 256 -7.65 9.77 2.83
N PHE A 257 -6.84 9.71 1.74
CA PHE A 257 -5.88 8.64 1.62
C PHE A 257 -4.92 8.61 2.79
N SER A 258 -4.39 9.76 3.15
CA SER A 258 -3.41 9.84 4.25
C SER A 258 -4.00 9.25 5.56
N LYS A 259 -5.22 9.63 5.90
N LYS A 259 -5.22 9.63 5.90
CA LYS A 259 -5.86 9.13 7.11
CA LYS A 259 -5.87 9.12 7.11
C LYS A 259 -6.06 7.61 7.00
C LYS A 259 -6.06 7.61 7.00
N ALA A 260 -6.59 7.14 5.86
CA ALA A 260 -6.90 5.71 5.72
C ALA A 260 -5.63 4.86 5.73
N PHE A 261 -4.61 5.36 5.06
CA PHE A 261 -3.34 4.63 4.97
C PHE A 261 -2.67 4.57 6.31
N GLU A 262 -2.60 5.67 7.05
CA GLU A 262 -2.09 5.62 8.42
C GLU A 262 -2.90 4.60 9.26
N LYS A 263 -4.23 4.66 9.14
CA LYS A 263 -5.06 3.74 9.93
C LYS A 263 -4.76 2.29 9.59
N LEU A 264 -4.62 1.99 8.32
CA LEU A 264 -4.31 0.65 7.83
C LEU A 264 -3.01 0.18 8.46
N LEU A 265 -2.01 1.03 8.43
N LEU A 265 -2.02 1.04 8.44
CA LEU A 265 -0.70 0.69 8.97
CA LEU A 265 -0.70 0.70 8.98
C LEU A 265 -0.65 0.60 10.49
C LEU A 265 -0.65 0.60 10.48
N GLU A 266 -1.65 1.16 11.18
CA GLU A 266 -1.70 1.15 12.64
C GLU A 266 -2.73 0.19 13.18
N ASN A 267 -3.54 -0.45 12.33
CA ASN A 267 -4.56 -1.37 12.89
C ASN A 267 -3.91 -2.44 13.74
N GLY A 268 -4.52 -2.70 14.89
CA GLY A 268 -4.04 -3.72 15.80
C GLY A 268 -3.13 -3.25 16.88
N ILE A 269 -2.66 -2.02 16.79
CA ILE A 269 -1.64 -1.46 17.69
C ILE A 269 -2.27 -0.59 18.73
N THR A 270 -1.94 -0.87 20.01
CA THR A 270 -2.31 0.00 21.11
C THR A 270 -1.16 0.93 21.39
N PHE A 271 -1.40 2.21 21.24
CA PHE A 271 -0.44 3.27 21.55
C PHE A 271 -0.71 3.76 22.97
N PRO A 272 0.27 3.59 23.89
CA PRO A 272 0.18 4.18 25.22
C PRO A 272 -0.18 5.65 25.19
N LYS A 273 -0.83 6.14 26.25
CA LYS A 273 -1.23 7.54 26.26
C LYS A 273 -0.07 8.52 26.24
N ASP A 274 1.09 8.09 26.72
CA ASP A 274 2.30 8.90 26.69
C ASP A 274 3.30 8.49 25.59
N ALA A 275 2.81 7.79 24.56
CA ALA A 275 3.64 7.53 23.38
C ALA A 275 3.92 8.84 22.67
N PRO A 276 5.00 8.89 21.86
CA PRO A 276 5.24 10.11 21.08
C PRO A 276 4.06 10.36 20.12
N SER A 277 3.82 11.60 19.80
CA SER A 277 2.88 11.95 18.73
C SER A 277 3.41 11.38 17.41
N PRO A 278 2.51 11.20 16.46
CA PRO A 278 2.99 10.71 15.16
C PRO A 278 3.99 11.67 14.56
N PHE A 279 4.91 11.11 13.82
CA PHE A 279 5.96 11.84 13.14
C PHE A 279 5.48 12.16 11.73
N ILE A 280 5.81 13.37 11.26
CA ILE A 280 5.63 13.73 9.86
C ILE A 280 7.01 14.04 9.28
N PHE A 281 7.48 13.13 8.46
CA PHE A 281 8.83 13.25 7.88
C PHE A 281 8.87 14.21 6.77
N LYS A 282 9.98 14.94 6.70
N LYS A 282 9.99 14.92 6.70
CA LYS A 282 10.27 15.83 5.58
CA LYS A 282 10.29 15.80 5.58
C LYS A 282 10.73 15.00 4.39
C LYS A 282 10.74 14.98 4.38
N THR A 283 10.32 15.38 3.19
CA THR A 283 10.83 14.71 1.98
C THR A 283 12.28 15.13 1.72
N LEU A 284 12.98 14.38 0.89
CA LEU A 284 14.34 14.82 0.52
C LEU A 284 14.27 16.22 -0.08
N GLU A 285 13.30 16.44 -0.96
CA GLU A 285 13.13 17.76 -1.59
C GLU A 285 13.00 18.89 -0.54
N GLU A 286 12.18 18.67 0.51
CA GLU A 286 11.99 19.64 1.57
C GLU A 286 13.25 19.91 2.34
N GLN A 287 14.13 18.92 2.42
CA GLN A 287 15.39 19.02 3.14
C GLN A 287 16.48 19.58 2.25
N GLY A 288 16.25 19.78 0.97
CA GLY A 288 17.36 20.12 0.06
C GLY A 288 18.38 19.03 -0.17
N LEU A 289 17.99 17.77 0.03
CA LEU A 289 18.83 16.58 -0.16
C LEU A 289 18.55 15.89 -1.48
CHA HEM B . -0.85 -3.99 -7.31
CHB HEM B . -4.96 -6.36 -6.14
CHC HEM B . -5.89 -2.98 -2.77
CHD HEM B . -1.56 -0.97 -3.63
C1A HEM B . -1.82 -4.93 -7.26
C2A HEM B . -1.95 -6.11 -8.10
C3A HEM B . -3.06 -6.77 -7.74
C4A HEM B . -3.76 -6.02 -6.76
CMA HEM B . -3.63 -8.08 -8.37
CAA HEM B . -0.87 -6.52 -9.11
CBA HEM B . 0.29 -7.21 -8.42
CGA HEM B . 1.36 -7.59 -9.45
O1A HEM B . 0.97 -8.28 -10.43
O2A HEM B . 2.54 -7.18 -9.31
C1B HEM B . -5.59 -5.61 -5.18
C2B HEM B . -6.89 -5.89 -4.67
C3B HEM B . -7.14 -4.94 -3.76
C4B HEM B . -6.02 -4.05 -3.65
CMB HEM B . -7.77 -7.06 -5.14
CAB HEM B . -8.38 -4.77 -2.92
CBB HEM B . -9.58 -5.13 -3.34
C1C HEM B . -4.75 -2.22 -2.66
C2C HEM B . -4.48 -1.23 -1.65
C3C HEM B . -3.29 -0.66 -1.87
C4C HEM B . -2.71 -1.30 -3.03
CMC HEM B . -5.49 -0.98 -0.52
CAC HEM B . -2.55 0.36 -1.05
CBC HEM B . -3.13 1.40 -0.44
C1D HEM B . -1.06 -1.54 -4.75
C2D HEM B . 0.08 -1.04 -5.46
C3D HEM B . 0.27 -1.92 -6.60
C4D HEM B . -0.71 -2.93 -6.49
CMD HEM B . 0.87 0.20 -5.15
CAD HEM B . 1.39 -1.82 -7.63
CBD HEM B . 2.60 -2.68 -7.25
CGD HEM B . 3.69 -2.67 -8.30
O1D HEM B . 4.63 -3.53 -8.11
O2D HEM B . 3.71 -1.86 -9.22
NA HEM B . -2.94 -4.94 -6.44
NB HEM B . -5.05 -4.49 -4.53
NC HEM B . -3.62 -2.24 -3.48
ND HEM B . -1.54 -2.65 -5.43
FE HEM B . -3.33 -3.53 -5.01
O1 3FA C . -3.89 -0.53 -13.25
C1 3FA C . -3.41 -1.01 -12.03
C3 3FA C . -2.14 -0.65 -11.60
F1 3FA C . -1.37 0.10 -12.42
C5 3FA C . -1.65 -1.13 -10.41
C6 3FA C . -2.48 -1.96 -9.62
C4 3FA C . -3.78 -2.27 -10.02
C2 3FA C . -4.24 -1.78 -11.23
O2 3FA C . -5.51 -1.99 -11.70
O1 3FA D . 13.81 -7.75 8.84
O1 3FA D . 15.28 -9.11 7.15
C1 3FA D . 13.99 -7.24 7.60
C1 3FA D . 14.66 -7.95 6.73
C3 3FA D . 13.24 -6.12 7.22
C3 3FA D . 15.05 -7.37 5.54
F1 3FA D . 12.38 -5.59 8.09
F1 3FA D . 16.08 -7.99 4.78
C5 3FA D . 13.39 -5.60 5.94
C5 3FA D . 14.43 -6.22 5.08
C6 3FA D . 14.28 -6.17 5.04
C6 3FA D . 13.43 -5.63 5.86
C4 3FA D . 15.02 -7.27 5.45
C4 3FA D . 13.04 -6.22 7.06
C2 3FA D . 14.88 -7.82 6.71
C2 3FA D . 13.66 -7.39 7.51
O2 3FA D . 15.60 -8.92 7.13
O2 3FA D . 13.34 -8.06 8.66
#